data_7G9B
#
_entry.id   7G9B
#
_cell.length_a   70.802
_cell.length_b   70.802
_cell.length_c   195.820
_cell.angle_alpha   90.000
_cell.angle_beta   90.000
_cell.angle_gamma   90.000
#
_symmetry.space_group_name_H-M   'P 43 21 2'
#
loop_
_entity.id
_entity.type
_entity.pdbx_description
1 polymer 'Transforming protein RhoA'
2 polymer 'Rho guanine nucleotide exchange factor 2'
3 non-polymer 'DIMETHYL SULFOXIDE'
4 non-polymer 'FORMIC ACID'
5 non-polymer N-(3-methylphenyl)acetamide
6 water water
#
loop_
_entity_poly.entity_id
_entity_poly.type
_entity_poly.pdbx_seq_one_letter_code
_entity_poly.pdbx_strand_id
1 'polypeptide(L)'
;SMAAIRKKLVIVGDGACGKTCLLIVFSKDQFPEVYVPTVFENYVADIEVDGKQVELALWDTAGQEDYDRLRPLSYPDTDV
ILMCFSIDSPDSLENIPEKWTPEVKHFCPNVPIILVGNKKDLRNDEHTRRELAKMKQEPVKPEEGRDMANRIGAFGYMEC
SAKTKDGVREVFEMATRAALQARRG
;
A
2 'polypeptide(L)'
;SMEMDEKDFAADSWSLAVDSSFLQQHKKEVMKQQDVIYELIQTELHHVRTLKIMTRLFRTGMLEELHLEPGVVQGLFPCV
DELSDIHTRFLSQLLERRRQALCPGSTRNFVIHRLGDLLISQFSGPSAEQMCKTYSEFCSRHSKALKLYKELYARDKRFQ
QFIRKVTRPAVLKRHGVQECILLVTQRITKYPLLISRILQHSHGIEEERQDLTTALGLVKELLSNVDEGIYQLEKGARLQ
EIYNR
;
B
#
# COMPACT_ATOMS: atom_id res chain seq x y z
N ALA A 4 5.04 -23.38 -9.15
CA ALA A 4 5.81 -22.25 -8.63
C ALA A 4 5.35 -21.86 -7.23
N ILE A 5 6.18 -22.18 -6.24
CA ILE A 5 5.94 -21.91 -4.82
C ILE A 5 5.64 -20.44 -4.51
N ARG A 6 4.62 -20.17 -3.70
CA ARG A 6 4.27 -18.79 -3.34
C ARG A 6 4.93 -18.47 -2.00
N LYS A 7 5.59 -17.30 -1.92
CA LYS A 7 6.30 -16.82 -0.73
C LYS A 7 5.99 -15.34 -0.47
N LYS A 8 5.92 -14.92 0.81
CA LYS A 8 5.54 -13.54 1.13
C LYS A 8 6.67 -12.68 1.72
N LEU A 9 6.84 -11.47 1.16
CA LEU A 9 7.87 -10.53 1.59
C LEU A 9 7.26 -9.26 2.17
N VAL A 10 7.71 -8.82 3.34
CA VAL A 10 7.23 -7.58 3.94
C VAL A 10 8.41 -6.68 4.25
N ILE A 11 8.33 -5.40 3.84
CA ILE A 11 9.40 -4.46 4.12
CA ILE A 11 9.40 -4.45 4.13
C ILE A 11 9.00 -3.56 5.29
N VAL A 12 9.79 -3.57 6.34
CA VAL A 12 9.54 -2.74 7.53
CA VAL A 12 9.55 -2.76 7.52
C VAL A 12 10.63 -1.66 7.64
N GLY A 13 10.37 -0.64 8.45
CA GLY A 13 11.32 0.47 8.66
C GLY A 13 10.65 1.81 8.90
N ASP A 14 11.43 2.82 9.34
CA ASP A 14 10.95 4.18 9.63
C ASP A 14 10.35 4.84 8.36
N GLY A 15 9.63 5.94 8.56
CA GLY A 15 8.96 6.72 7.53
C GLY A 15 9.72 6.94 6.24
N ALA A 16 10.64 7.92 6.23
CA ALA A 16 11.38 8.24 5.00
C ALA A 16 12.68 7.49 4.92
N CYS A 17 12.58 6.17 5.00
CA CYS A 17 13.74 5.30 4.85
C CYS A 17 13.85 4.74 3.40
N GLY A 18 12.84 5.02 2.55
CA GLY A 18 12.79 4.62 1.16
C GLY A 18 12.26 3.24 0.83
N LYS A 19 11.45 2.64 1.72
CA LYS A 19 10.91 1.31 1.46
CA LYS A 19 10.91 1.31 1.46
C LYS A 19 9.89 1.30 0.33
N THR A 20 9.13 2.41 0.17
CA THR A 20 8.14 2.49 -0.89
C THR A 20 8.85 2.62 -2.25
N CYS A 21 9.81 3.55 -2.36
CA CYS A 21 10.63 3.77 -3.57
C CYS A 21 11.24 2.45 -4.09
N LEU A 22 11.84 1.65 -3.16
CA LEU A 22 12.50 0.38 -3.46
C LEU A 22 11.55 -0.64 -4.10
N LEU A 23 10.34 -0.78 -3.55
CA LEU A 23 9.36 -1.71 -4.08
C LEU A 23 8.88 -1.33 -5.45
N ILE A 24 8.70 -0.02 -5.66
CA ILE A 24 8.23 0.54 -6.93
C ILE A 24 9.28 0.41 -8.02
N VAL A 25 10.56 0.54 -7.67
CA VAL A 25 11.66 0.41 -8.60
C VAL A 25 11.85 -1.04 -9.01
N PHE A 26 11.68 -1.97 -8.09
CA PHE A 26 11.80 -3.39 -8.39
C PHE A 26 10.63 -3.86 -9.27
N SER A 27 9.39 -3.48 -8.90
CA SER A 27 8.20 -3.89 -9.63
C SER A 27 8.10 -3.25 -11.03
N LYS A 28 8.64 -2.05 -11.21
CA LYS A 28 8.65 -1.38 -12.50
C LYS A 28 9.88 -1.71 -13.35
N ASP A 29 11.00 -2.14 -12.69
CA ASP A 29 12.32 -2.47 -13.25
C ASP A 29 13.21 -1.22 -13.48
N GLN A 30 12.60 -0.04 -13.58
CA GLN A 30 13.29 1.22 -13.79
C GLN A 30 12.89 2.25 -12.72
N PHE A 31 13.67 3.36 -12.60
CA PHE A 31 13.29 4.43 -11.67
C PHE A 31 12.20 5.24 -12.38
N PRO A 32 11.00 5.38 -11.77
CA PRO A 32 9.90 6.10 -12.43
C PRO A 32 10.29 7.39 -13.13
N GLU A 33 10.24 7.36 -14.46
CA GLU A 33 10.64 8.48 -15.31
C GLU A 33 9.79 9.74 -15.16
N VAL A 34 8.47 9.63 -15.26
CA VAL A 34 7.61 10.82 -15.26
C VAL A 34 6.95 11.07 -13.89
N TYR A 35 6.53 10.01 -13.19
CA TYR A 35 5.89 10.18 -11.89
C TYR A 35 6.27 9.07 -10.92
N VAL A 36 6.92 9.45 -9.83
CA VAL A 36 7.23 8.50 -8.78
C VAL A 36 5.96 8.45 -7.95
N PRO A 37 5.27 7.29 -7.87
CA PRO A 37 4.03 7.23 -7.07
C PRO A 37 4.25 7.51 -5.59
N THR A 38 3.19 7.83 -4.87
CA THR A 38 3.25 8.09 -3.43
C THR A 38 3.11 6.78 -2.65
N VAL A 39 2.22 5.91 -3.09
CA VAL A 39 1.92 4.68 -2.40
C VAL A 39 2.24 3.44 -3.27
N PHE A 40 2.30 2.28 -2.62
CA PHE A 40 2.47 0.96 -3.22
C PHE A 40 1.31 0.12 -2.71
N GLU A 41 0.51 -0.47 -3.61
CA GLU A 41 -0.63 -1.30 -3.18
C GLU A 41 -0.11 -2.69 -2.74
N ASN A 42 0.30 -3.50 -3.72
CA ASN A 42 0.93 -4.81 -3.61
C ASN A 42 1.40 -5.24 -5.00
N TYR A 43 2.22 -6.26 -5.07
CA TYR A 43 2.74 -6.78 -6.31
C TYR A 43 3.17 -8.23 -6.11
N VAL A 44 3.01 -9.04 -7.15
CA VAL A 44 3.43 -10.44 -7.15
C VAL A 44 4.47 -10.58 -8.25
N ALA A 45 5.71 -10.89 -7.87
CA ALA A 45 6.87 -10.96 -8.76
C ALA A 45 7.28 -12.36 -9.12
N ASP A 46 7.56 -12.60 -10.41
CA ASP A 46 8.02 -13.92 -10.85
C ASP A 46 9.51 -13.90 -10.91
N ILE A 47 10.12 -14.56 -9.93
CA ILE A 47 11.57 -14.58 -9.76
CA ILE A 47 11.56 -14.57 -9.82
C ILE A 47 12.14 -15.98 -9.95
N GLU A 48 13.27 -16.11 -10.67
CA GLU A 48 13.93 -17.38 -10.81
CA GLU A 48 13.93 -17.39 -10.82
C GLU A 48 15.30 -17.27 -10.15
N VAL A 49 15.38 -17.68 -8.88
CA VAL A 49 16.62 -17.61 -8.16
C VAL A 49 17.26 -19.01 -8.08
N ASP A 50 18.50 -19.11 -8.56
CA ASP A 50 19.32 -20.31 -8.58
C ASP A 50 18.66 -21.55 -9.22
N GLY A 51 17.74 -21.32 -10.15
CA GLY A 51 17.05 -22.39 -10.86
C GLY A 51 15.73 -22.79 -10.23
N LYS A 52 15.21 -21.98 -9.30
CA LYS A 52 13.93 -22.23 -8.64
C LYS A 52 12.97 -21.12 -9.00
N GLN A 53 11.78 -21.46 -9.49
CA GLN A 53 10.78 -20.47 -9.87
CA GLN A 53 10.78 -20.49 -9.88
C GLN A 53 9.84 -20.19 -8.70
N VAL A 54 9.85 -18.95 -8.22
CA VAL A 54 9.04 -18.52 -7.08
C VAL A 54 8.11 -17.36 -7.45
N GLU A 55 6.95 -17.30 -6.79
CA GLU A 55 6.01 -16.20 -6.88
C GLU A 55 6.24 -15.42 -5.60
N LEU A 56 6.73 -14.17 -5.67
CA LEU A 56 7.01 -13.40 -4.45
C LEU A 56 6.05 -12.21 -4.24
N ALA A 57 5.12 -12.34 -3.26
CA ALA A 57 4.18 -11.26 -2.93
C ALA A 57 4.92 -10.19 -2.11
N LEU A 58 4.93 -8.97 -2.61
CA LEU A 58 5.62 -7.84 -2.00
C LEU A 58 4.65 -6.93 -1.27
N TRP A 59 4.89 -6.72 0.02
CA TRP A 59 4.05 -5.84 0.81
C TRP A 59 4.86 -4.70 1.43
N ASP A 60 4.18 -3.67 1.86
CA ASP A 60 4.81 -2.47 2.39
C ASP A 60 4.07 -2.07 3.67
N THR A 61 4.81 -1.54 4.64
CA THR A 61 4.21 -1.06 5.87
C THR A 61 4.16 0.49 5.96
N ALA A 62 4.45 1.20 4.85
CA ALA A 62 4.43 2.65 4.86
C ALA A 62 3.01 3.12 5.08
N GLY A 63 2.87 4.05 6.02
CA GLY A 63 1.57 4.56 6.43
C GLY A 63 1.10 3.97 7.75
N GLN A 64 1.61 2.77 8.08
CA GLN A 64 1.27 2.07 9.32
C GLN A 64 2.18 2.39 10.51
N GLU A 65 3.32 3.07 10.30
CA GLU A 65 4.30 3.40 11.35
C GLU A 65 3.74 3.92 12.67
N ASP A 66 2.66 4.71 12.67
CA ASP A 66 2.10 5.24 13.93
C ASP A 66 0.94 4.42 14.48
N TYR A 67 0.50 3.37 13.77
CA TYR A 67 -0.66 2.58 14.21
C TYR A 67 -0.25 1.19 14.63
N ASP A 68 0.05 1.04 15.93
CA ASP A 68 0.56 -0.20 16.50
C ASP A 68 -0.43 -1.35 16.55
N ARG A 69 -1.73 -1.09 16.39
CA ARG A 69 -2.72 -2.18 16.37
C ARG A 69 -3.12 -2.59 14.94
N LEU A 70 -2.83 -1.74 13.94
CA LEU A 70 -3.16 -2.01 12.56
C LEU A 70 -2.00 -2.74 11.89
N ARG A 71 -0.77 -2.20 12.05
CA ARG A 71 0.48 -2.69 11.47
C ARG A 71 0.70 -4.20 11.60
N PRO A 72 0.56 -4.81 12.80
CA PRO A 72 0.76 -6.27 12.90
C PRO A 72 -0.05 -7.11 11.90
N LEU A 73 -1.17 -6.55 11.37
CA LEU A 73 -2.01 -7.25 10.38
C LEU A 73 -1.32 -7.49 9.03
N SER A 74 -0.15 -6.86 8.81
CA SER A 74 0.68 -7.06 7.63
C SER A 74 1.58 -8.29 7.80
N TYR A 75 1.85 -8.73 9.03
CA TYR A 75 2.80 -9.79 9.33
C TYR A 75 2.36 -11.23 9.11
N PRO A 76 1.06 -11.63 9.14
CA PRO A 76 0.73 -13.05 8.98
C PRO A 76 1.28 -13.72 7.72
N ASP A 77 1.88 -14.90 7.90
CA ASP A 77 2.45 -15.77 6.85
C ASP A 77 3.66 -15.20 6.13
N THR A 78 4.35 -14.24 6.76
CA THR A 78 5.56 -13.69 6.17
C THR A 78 6.68 -14.74 6.14
N ASP A 79 7.37 -14.81 5.00
CA ASP A 79 8.46 -15.73 4.77
C ASP A 79 9.83 -15.03 4.79
N VAL A 80 9.85 -13.70 4.51
CA VAL A 80 11.08 -12.90 4.53
C VAL A 80 10.81 -11.44 4.90
N ILE A 81 11.60 -10.88 5.82
CA ILE A 81 11.42 -9.47 6.23
C ILE A 81 12.58 -8.64 5.71
N LEU A 82 12.30 -7.61 4.90
CA LEU A 82 13.36 -6.70 4.51
C LEU A 82 13.36 -5.60 5.54
N MET A 83 14.35 -5.56 6.44
CA MET A 83 14.42 -4.51 7.45
CA MET A 83 14.42 -4.51 7.45
C MET A 83 15.20 -3.31 6.93
N CYS A 84 14.48 -2.27 6.52
CA CYS A 84 15.01 -1.06 5.93
C CYS A 84 15.42 0.03 6.90
N PHE A 85 16.48 0.73 6.49
CA PHE A 85 17.03 1.92 7.13
C PHE A 85 17.68 2.78 6.03
N SER A 86 17.81 4.08 6.30
CA SER A 86 18.43 4.98 5.35
C SER A 86 19.85 5.34 5.72
N ILE A 87 20.78 5.24 4.76
CA ILE A 87 22.19 5.56 4.95
C ILE A 87 22.40 7.06 5.28
N ASP A 88 21.54 7.97 4.77
CA ASP A 88 21.65 9.39 5.11
C ASP A 88 20.99 9.75 6.46
N SER A 89 20.41 8.77 7.16
CA SER A 89 19.76 8.98 8.44
C SER A 89 20.27 7.98 9.49
N PRO A 90 21.39 8.29 10.17
CA PRO A 90 21.91 7.38 11.22
C PRO A 90 20.94 7.13 12.38
N ASP A 91 19.95 8.01 12.56
CA ASP A 91 18.94 7.89 13.60
C ASP A 91 18.01 6.73 13.31
N SER A 92 17.66 6.51 12.01
CA SER A 92 16.82 5.38 11.60
C SER A 92 17.48 4.04 11.92
N LEU A 93 18.82 3.98 11.90
CA LEU A 93 19.56 2.77 12.25
C LEU A 93 19.47 2.50 13.75
N GLU A 94 19.46 3.57 14.58
CA GLU A 94 19.36 3.48 16.04
C GLU A 94 18.02 2.82 16.48
N ASN A 95 16.97 2.99 15.68
CA ASN A 95 15.64 2.43 15.94
C ASN A 95 15.49 0.97 15.50
N ILE A 96 16.42 0.45 14.69
CA ILE A 96 16.42 -0.94 14.24
C ILE A 96 16.40 -1.94 15.44
N PRO A 97 17.35 -1.90 16.41
CA PRO A 97 17.30 -2.86 17.52
C PRO A 97 16.33 -2.50 18.66
N GLU A 98 15.92 -1.22 18.74
CA GLU A 98 15.03 -0.75 19.80
C GLU A 98 13.56 -0.95 19.46
N LYS A 99 13.15 -0.71 18.19
CA LYS A 99 11.73 -0.80 17.83
C LYS A 99 11.35 -1.86 16.77
N TRP A 100 12.09 -1.95 15.66
CA TRP A 100 11.72 -2.86 14.58
C TRP A 100 12.09 -4.29 14.83
N THR A 101 13.21 -4.53 15.51
CA THR A 101 13.63 -5.90 15.80
C THR A 101 12.77 -6.56 16.89
N PRO A 102 12.46 -5.92 18.05
CA PRO A 102 11.58 -6.58 19.04
C PRO A 102 10.20 -6.95 18.49
N GLU A 103 9.62 -6.07 17.66
CA GLU A 103 8.29 -6.27 17.08
C GLU A 103 8.30 -7.33 15.99
N VAL A 104 9.22 -7.25 15.01
CA VAL A 104 9.32 -8.26 13.94
C VAL A 104 9.57 -9.65 14.54
N LYS A 105 10.42 -9.76 15.58
CA LYS A 105 10.70 -11.06 16.18
C LYS A 105 9.55 -11.61 17.03
N HIS A 106 8.66 -10.74 17.51
CA HIS A 106 7.48 -11.12 18.31
C HIS A 106 6.37 -11.69 17.41
N PHE A 107 6.02 -10.98 16.33
CA PHE A 107 4.97 -11.44 15.42
C PHE A 107 5.48 -12.47 14.40
N CYS A 108 6.78 -12.41 14.08
CA CYS A 108 7.41 -13.29 13.10
C CYS A 108 8.60 -14.00 13.71
N PRO A 109 8.37 -14.98 14.60
CA PRO A 109 9.53 -15.75 15.12
C PRO A 109 10.09 -16.64 14.00
N ASN A 110 11.40 -16.83 13.94
CA ASN A 110 12.04 -17.66 12.93
C ASN A 110 11.89 -17.21 11.47
N VAL A 111 11.62 -15.92 11.22
CA VAL A 111 11.48 -15.42 9.86
C VAL A 111 12.76 -14.66 9.48
N PRO A 112 13.48 -15.12 8.44
CA PRO A 112 14.72 -14.41 8.03
C PRO A 112 14.54 -12.93 7.80
N ILE A 113 15.47 -12.15 8.33
CA ILE A 113 15.46 -10.70 8.17
C ILE A 113 16.71 -10.34 7.41
N ILE A 114 16.60 -9.53 6.37
CA ILE A 114 17.80 -9.06 5.68
C ILE A 114 17.86 -7.56 5.98
N LEU A 115 18.91 -7.09 6.68
CA LEU A 115 19.04 -5.66 6.96
C LEU A 115 19.45 -4.97 5.66
N VAL A 116 18.57 -4.10 5.13
CA VAL A 116 18.86 -3.40 3.90
C VAL A 116 19.15 -1.93 4.17
N GLY A 117 20.29 -1.47 3.69
CA GLY A 117 20.70 -0.08 3.78
C GLY A 117 20.40 0.68 2.51
N ASN A 118 19.28 1.39 2.51
CA ASN A 118 18.80 2.17 1.36
C ASN A 118 19.56 3.47 1.16
N LYS A 119 19.48 4.03 -0.06
CA LYS A 119 20.04 5.33 -0.41
C LYS A 119 21.55 5.40 -0.33
N LYS A 120 22.25 4.34 -0.77
CA LYS A 120 23.71 4.31 -0.67
C LYS A 120 24.42 5.33 -1.58
N ASP A 121 23.72 5.87 -2.57
CA ASP A 121 24.23 6.90 -3.45
C ASP A 121 24.49 8.20 -2.65
N LEU A 122 23.59 8.51 -1.69
CA LEU A 122 23.72 9.69 -0.83
C LEU A 122 24.98 9.68 0.07
N ARG A 123 25.70 8.55 0.12
CA ARG A 123 26.92 8.45 0.91
C ARG A 123 28.01 9.38 0.34
N ASN A 124 27.99 9.67 -0.97
CA ASN A 124 28.97 10.59 -1.55
C ASN A 124 28.33 11.89 -2.08
N ASP A 125 27.10 12.20 -1.65
CA ASP A 125 26.40 13.41 -2.02
C ASP A 125 26.89 14.56 -1.17
N GLU A 126 27.07 15.74 -1.79
CA GLU A 126 27.56 16.93 -1.12
C GLU A 126 26.57 17.50 -0.10
N HIS A 127 25.32 17.78 -0.51
CA HIS A 127 24.29 18.34 0.36
C HIS A 127 23.92 17.42 1.53
N THR A 128 24.02 16.11 1.34
CA THR A 128 23.72 15.11 2.37
C THR A 128 24.78 15.11 3.47
N ARG A 129 26.04 15.34 3.10
CA ARG A 129 27.11 15.38 4.08
C ARG A 129 27.12 16.69 4.86
N ARG A 130 26.85 17.81 4.19
CA ARG A 130 26.84 19.11 4.86
C ARG A 130 25.72 19.19 5.91
N GLU A 131 24.52 18.71 5.58
CA GLU A 131 23.39 18.75 6.50
C GLU A 131 23.64 17.84 7.69
N LEU A 132 24.21 16.66 7.45
CA LEU A 132 24.53 15.73 8.53
C LEU A 132 25.63 16.27 9.43
N ALA A 133 26.55 17.08 8.89
CA ALA A 133 27.64 17.68 9.69
C ALA A 133 27.10 18.71 10.68
N LYS A 134 26.00 19.43 10.32
CA LYS A 134 25.34 20.39 11.21
C LYS A 134 24.83 19.65 12.45
N MET A 135 24.21 18.47 12.24
CA MET A 135 23.73 17.62 13.33
C MET A 135 24.86 16.76 13.98
N LYS A 136 26.13 17.07 13.68
CA LYS A 136 27.33 16.38 14.20
C LYS A 136 27.33 14.89 13.87
N GLN A 137 27.14 14.56 12.58
CA GLN A 137 27.01 13.20 12.08
C GLN A 137 27.58 13.04 10.66
N GLU A 138 27.53 11.82 10.12
CA GLU A 138 27.95 11.49 8.77
C GLU A 138 27.16 10.26 8.25
N PRO A 139 27.12 10.01 6.92
CA PRO A 139 26.36 8.84 6.42
C PRO A 139 26.77 7.52 7.07
N VAL A 140 25.82 6.58 7.21
CA VAL A 140 26.07 5.27 7.81
C VAL A 140 27.14 4.52 7.03
N LYS A 141 28.22 4.15 7.72
CA LYS A 141 29.36 3.46 7.11
C LYS A 141 29.04 1.98 6.94
N PRO A 142 29.61 1.33 5.90
CA PRO A 142 29.29 -0.09 5.69
C PRO A 142 29.50 -0.97 6.92
N GLU A 143 30.61 -0.75 7.65
CA GLU A 143 30.92 -1.49 8.88
C GLU A 143 29.89 -1.29 9.99
N GLU A 144 29.22 -0.13 10.03
CA GLU A 144 28.17 0.15 11.01
C GLU A 144 26.90 -0.65 10.68
N GLY A 145 26.61 -0.81 9.40
CA GLY A 145 25.45 -1.59 8.98
C GLY A 145 25.68 -3.05 9.27
N ARG A 146 26.88 -3.55 8.94
CA ARG A 146 27.26 -4.95 9.18
C ARG A 146 27.27 -5.25 10.66
N ASP A 147 27.74 -4.29 11.48
CA ASP A 147 27.77 -4.47 12.93
C ASP A 147 26.37 -4.46 13.54
N MET A 148 25.39 -3.81 12.89
CA MET A 148 24.01 -3.81 13.34
C MET A 148 23.29 -5.09 12.89
N ALA A 149 23.50 -5.52 11.64
CA ALA A 149 22.92 -6.78 11.14
C ALA A 149 23.41 -7.98 11.98
N ASN A 150 24.66 -7.91 12.46
CA ASN A 150 25.24 -8.95 13.29
C ASN A 150 24.63 -8.95 14.69
N ARG A 151 24.51 -7.76 15.31
CA ARG A 151 23.95 -7.59 16.65
C ARG A 151 22.48 -8.01 16.73
N ILE A 152 21.67 -7.71 15.70
CA ILE A 152 20.26 -8.09 15.74
C ILE A 152 20.00 -9.53 15.21
N GLY A 153 21.04 -10.26 14.81
CA GLY A 153 20.89 -11.61 14.29
C GLY A 153 20.24 -11.69 12.93
N ALA A 154 20.41 -10.66 12.08
CA ALA A 154 19.88 -10.67 10.72
C ALA A 154 20.56 -11.74 9.87
N PHE A 155 19.81 -12.28 8.90
CA PHE A 155 20.28 -13.28 7.94
C PHE A 155 21.44 -12.72 7.09
N GLY A 156 21.37 -11.44 6.77
CA GLY A 156 22.41 -10.77 6.00
C GLY A 156 22.28 -9.26 5.99
N TYR A 157 23.30 -8.59 5.44
CA TYR A 157 23.33 -7.14 5.31
C TYR A 157 23.58 -6.84 3.86
N MET A 158 22.72 -6.00 3.28
CA MET A 158 22.79 -5.63 1.87
C MET A 158 22.54 -4.13 1.72
N GLU A 159 23.20 -3.50 0.74
CA GLU A 159 22.95 -2.08 0.44
C GLU A 159 22.42 -1.95 -0.99
N CYS A 160 21.67 -0.89 -1.24
CA CYS A 160 21.15 -0.60 -2.57
C CYS A 160 20.83 0.88 -2.70
N SER A 161 20.48 1.28 -3.93
CA SER A 161 20.10 2.64 -4.28
C SER A 161 18.82 2.52 -5.11
N ALA A 162 17.70 3.08 -4.66
CA ALA A 162 16.46 3.04 -5.48
C ALA A 162 16.60 3.97 -6.68
N LYS A 163 17.23 5.15 -6.49
CA LYS A 163 17.50 6.18 -7.50
C LYS A 163 18.29 5.63 -8.72
N THR A 164 19.47 5.05 -8.50
CA THR A 164 20.28 4.52 -9.59
C THR A 164 19.96 3.05 -9.95
N LYS A 165 19.17 2.35 -9.08
CA LYS A 165 18.79 0.93 -9.22
C LYS A 165 19.94 -0.05 -8.89
N ASP A 166 21.08 0.45 -8.39
CA ASP A 166 22.21 -0.43 -8.07
C ASP A 166 21.95 -1.24 -6.81
N GLY A 167 21.99 -2.57 -6.95
CA GLY A 167 21.81 -3.48 -5.83
C GLY A 167 20.38 -3.91 -5.58
N VAL A 168 19.40 -3.27 -6.24
CA VAL A 168 17.99 -3.58 -6.06
C VAL A 168 17.64 -5.02 -6.45
N ARG A 169 18.02 -5.45 -7.66
CA ARG A 169 17.74 -6.82 -8.12
C ARG A 169 18.31 -7.89 -7.19
N GLU A 170 19.50 -7.63 -6.63
CA GLU A 170 20.19 -8.57 -5.76
C GLU A 170 19.53 -8.69 -4.37
N VAL A 171 18.91 -7.62 -3.87
CA VAL A 171 18.24 -7.65 -2.56
C VAL A 171 17.01 -8.59 -2.63
N PHE A 172 16.22 -8.43 -3.69
CA PHE A 172 15.02 -9.21 -3.87
C PHE A 172 15.34 -10.67 -4.22
N GLU A 173 16.41 -10.92 -4.97
CA GLU A 173 16.83 -12.29 -5.28
C GLU A 173 17.27 -12.98 -3.99
N MET A 174 18.05 -12.29 -3.14
CA MET A 174 18.50 -12.84 -1.88
C MET A 174 17.33 -13.10 -0.93
N ALA A 175 16.35 -12.19 -0.92
CA ALA A 175 15.17 -12.33 -0.09
C ALA A 175 14.40 -13.61 -0.43
N THR A 176 14.36 -13.98 -1.73
CA THR A 176 13.72 -15.17 -2.26
C THR A 176 14.45 -16.43 -1.79
N ARG A 177 15.78 -16.39 -1.78
CA ARG A 177 16.61 -17.49 -1.30
C ARG A 177 16.37 -17.66 0.19
N ALA A 178 16.33 -16.56 0.95
CA ALA A 178 16.07 -16.58 2.39
C ALA A 178 14.69 -17.13 2.71
N ALA A 179 13.66 -16.74 1.93
CA ALA A 179 12.29 -17.23 2.15
C ALA A 179 12.16 -18.72 1.86
N LEU A 180 12.96 -19.26 0.92
CA LEU A 180 12.92 -20.68 0.58
C LEU A 180 13.53 -21.61 1.65
N GLN A 181 14.27 -21.07 2.62
CA GLN A 181 14.92 -21.86 3.68
C GLN A 181 13.91 -22.35 4.73
N ALA A 182 14.02 -23.64 5.13
CA ALA A 182 13.10 -24.22 6.11
C ALA A 182 13.72 -25.40 6.85
N SER B 1 -14.84 -3.27 -12.50
CA SER B 1 -14.51 -2.04 -13.22
CA SER B 1 -14.50 -2.04 -13.22
C SER B 1 -15.28 -1.89 -14.53
N MET B 2 -15.41 -0.65 -15.01
CA MET B 2 -16.08 -0.35 -16.26
C MET B 2 -15.05 0.26 -17.21
N GLU B 3 -14.99 -0.24 -18.47
CA GLU B 3 -14.04 0.15 -19.50
C GLU B 3 -13.75 1.65 -19.62
N MET B 4 -14.78 2.47 -19.39
CA MET B 4 -14.69 3.93 -19.45
CA MET B 4 -14.66 3.93 -19.46
C MET B 4 -13.67 4.42 -18.41
N ASP B 5 -13.79 3.97 -17.16
CA ASP B 5 -12.91 4.34 -16.06
C ASP B 5 -11.54 3.65 -16.13
N GLU B 6 -11.49 2.37 -16.63
CA GLU B 6 -10.24 1.64 -16.86
C GLU B 6 -9.39 2.45 -17.85
N LYS B 7 -9.97 2.91 -18.97
CA LYS B 7 -9.24 3.70 -19.98
C LYS B 7 -8.85 5.07 -19.44
N ASP B 8 -9.78 5.72 -18.73
CA ASP B 8 -9.53 7.02 -18.12
C ASP B 8 -8.39 7.00 -17.11
N PHE B 9 -8.18 5.86 -16.44
CA PHE B 9 -7.10 5.75 -15.45
C PHE B 9 -6.02 4.73 -15.84
N ALA B 10 -5.91 4.40 -17.14
CA ALA B 10 -4.93 3.44 -17.63
C ALA B 10 -3.51 3.99 -17.57
N ALA B 11 -3.33 5.32 -17.83
CA ALA B 11 -2.01 5.95 -17.82
C ALA B 11 -1.31 5.93 -16.46
N ASP B 12 0.02 5.91 -16.47
CA ASP B 12 0.83 5.88 -15.26
C ASP B 12 0.78 7.13 -14.41
N SER B 13 0.28 8.26 -14.96
CA SER B 13 0.18 9.54 -14.26
C SER B 13 -0.83 10.46 -14.97
N TRP B 14 -1.12 11.65 -14.41
CA TRP B 14 -2.00 12.64 -15.03
C TRP B 14 -1.29 13.26 -16.26
N SER B 15 0.03 13.48 -16.20
CA SER B 15 0.80 14.04 -17.31
CA SER B 15 0.77 14.05 -17.32
C SER B 15 0.70 13.21 -18.60
N LEU B 16 0.58 11.90 -18.46
CA LEU B 16 0.46 10.99 -19.61
C LEU B 16 -1.00 10.66 -19.96
N ALA B 17 -1.96 10.99 -19.06
CA ALA B 17 -3.37 10.75 -19.30
C ALA B 17 -3.96 11.87 -20.15
N VAL B 18 -3.60 13.13 -19.85
CA VAL B 18 -4.07 14.29 -20.62
C VAL B 18 -3.30 14.40 -21.95
N ASP B 19 -3.83 15.16 -22.92
CA ASP B 19 -3.16 15.38 -24.21
C ASP B 19 -1.86 16.16 -23.99
N SER B 20 -0.81 15.91 -24.80
CA SER B 20 0.45 16.63 -24.62
C SER B 20 0.31 18.16 -24.80
N SER B 21 -0.47 18.64 -25.77
CA SER B 21 -0.69 20.08 -25.94
C SER B 21 -1.49 20.69 -24.76
N PHE B 22 -2.35 19.89 -24.12
CA PHE B 22 -3.12 20.33 -22.95
C PHE B 22 -2.21 20.48 -21.74
N LEU B 23 -1.25 19.55 -21.58
CA LEU B 23 -0.28 19.56 -20.49
C LEU B 23 0.61 20.80 -20.63
N GLN B 24 1.05 21.11 -21.86
CA GLN B 24 1.91 22.26 -22.17
C GLN B 24 1.29 23.64 -21.84
N GLN B 25 -0.01 23.68 -21.54
CA GLN B 25 -0.70 24.92 -21.19
C GLN B 25 -0.62 25.27 -19.70
N HIS B 26 -0.06 24.39 -18.85
CA HIS B 26 -0.09 24.58 -17.39
C HIS B 26 1.27 24.74 -16.68
N LYS B 27 1.25 25.32 -15.48
CA LYS B 27 2.43 25.49 -14.63
C LYS B 27 2.91 24.16 -14.06
N LYS B 28 4.19 24.06 -13.69
CA LYS B 28 4.74 22.84 -13.13
C LYS B 28 4.04 22.38 -11.86
N GLU B 29 3.74 23.32 -10.95
CA GLU B 29 3.06 22.99 -9.69
C GLU B 29 1.66 22.38 -9.95
N VAL B 30 0.99 22.84 -11.02
CA VAL B 30 -0.32 22.34 -11.43
C VAL B 30 -0.18 20.89 -11.90
N MET B 31 0.90 20.58 -12.66
CA MET B 31 1.14 19.22 -13.15
CA MET B 31 1.16 19.22 -13.16
C MET B 31 1.40 18.28 -11.98
N LYS B 32 2.16 18.73 -10.97
CA LYS B 32 2.46 17.92 -9.80
C LYS B 32 1.24 17.70 -8.91
N GLN B 33 0.45 18.73 -8.65
CA GLN B 33 -0.77 18.63 -7.83
C GLN B 33 -1.77 17.65 -8.47
N GLN B 34 -1.95 17.76 -9.79
CA GLN B 34 -2.88 16.89 -10.51
C GLN B 34 -2.39 15.44 -10.60
N ASP B 35 -1.09 15.21 -10.61
CA ASP B 35 -0.53 13.86 -10.65
C ASP B 35 -0.87 13.09 -9.38
N VAL B 36 -0.83 13.78 -8.22
CA VAL B 36 -1.14 13.17 -6.93
C VAL B 36 -2.66 12.94 -6.78
N ILE B 37 -3.48 13.89 -7.31
CA ILE B 37 -4.94 13.75 -7.27
C ILE B 37 -5.35 12.56 -8.12
N TYR B 38 -4.82 12.48 -9.35
CA TYR B 38 -5.06 11.39 -10.28
C TYR B 38 -4.74 10.03 -9.65
N GLU B 39 -3.66 9.98 -8.86
CA GLU B 39 -3.27 8.76 -8.18
C GLU B 39 -4.24 8.42 -7.06
N LEU B 40 -4.75 9.42 -6.32
CA LEU B 40 -5.74 9.17 -5.25
C LEU B 40 -6.99 8.47 -5.84
N ILE B 41 -7.42 8.95 -7.00
CA ILE B 41 -8.59 8.43 -7.69
C ILE B 41 -8.29 7.08 -8.35
N GLN B 42 -7.07 6.91 -8.89
CA GLN B 42 -6.63 5.66 -9.52
C GLN B 42 -6.64 4.55 -8.48
N THR B 43 -6.05 4.79 -7.29
CA THR B 43 -6.00 3.80 -6.19
C THR B 43 -7.38 3.57 -5.57
N GLU B 44 -8.23 4.60 -5.55
CA GLU B 44 -9.62 4.45 -5.09
C GLU B 44 -10.40 3.56 -6.05
N LEU B 45 -10.13 3.67 -7.36
CA LEU B 45 -10.73 2.85 -8.39
C LEU B 45 -10.31 1.40 -8.20
N HIS B 46 -9.02 1.18 -7.93
CA HIS B 46 -8.46 -0.17 -7.70
C HIS B 46 -8.98 -0.78 -6.41
N HIS B 47 -9.22 0.07 -5.39
CA HIS B 47 -9.74 -0.32 -4.09
C HIS B 47 -11.15 -0.83 -4.23
N VAL B 48 -12.01 -0.13 -5.03
CA VAL B 48 -13.40 -0.55 -5.26
C VAL B 48 -13.46 -1.81 -6.13
N ARG B 49 -12.52 -1.93 -7.10
CA ARG B 49 -12.40 -3.11 -7.94
C ARG B 49 -12.05 -4.31 -7.07
N THR B 50 -11.12 -4.16 -6.08
CA THR B 50 -10.75 -5.20 -5.11
C THR B 50 -12.01 -5.61 -4.34
N LEU B 51 -12.73 -4.65 -3.72
CA LEU B 51 -13.94 -4.94 -2.96
C LEU B 51 -15.03 -5.66 -3.79
N LYS B 52 -15.15 -5.37 -5.12
CA LYS B 52 -16.09 -6.04 -6.02
C LYS B 52 -15.61 -7.47 -6.27
N ILE B 53 -14.30 -7.71 -6.39
CA ILE B 53 -13.75 -9.07 -6.55
C ILE B 53 -14.13 -9.93 -5.33
N MET B 54 -14.03 -9.36 -4.12
CA MET B 54 -14.38 -10.08 -2.90
C MET B 54 -15.87 -10.37 -2.82
N THR B 55 -16.74 -9.41 -3.20
CA THR B 55 -18.21 -9.60 -3.14
C THR B 55 -18.81 -10.46 -4.24
N ARG B 56 -18.50 -10.19 -5.51
CA ARG B 56 -19.14 -10.89 -6.62
C ARG B 56 -18.42 -12.14 -7.06
N LEU B 57 -17.08 -12.13 -7.06
CA LEU B 57 -16.33 -13.28 -7.54
C LEU B 57 -16.10 -14.31 -6.48
N PHE B 58 -15.53 -13.96 -5.32
CA PHE B 58 -15.27 -14.95 -4.28
C PHE B 58 -16.51 -15.25 -3.43
N ARG B 59 -17.09 -14.21 -2.78
CA ARG B 59 -18.22 -14.36 -1.86
C ARG B 59 -19.44 -14.96 -2.49
N THR B 60 -19.89 -14.40 -3.63
CA THR B 60 -21.06 -14.89 -4.35
C THR B 60 -20.77 -16.27 -4.99
N GLY B 61 -19.53 -16.51 -5.41
CA GLY B 61 -19.13 -17.79 -5.96
C GLY B 61 -19.28 -18.91 -4.96
N MET B 62 -18.82 -18.68 -3.72
CA MET B 62 -18.94 -19.64 -2.63
C MET B 62 -20.38 -19.91 -2.19
N LEU B 63 -21.30 -18.99 -2.51
CA LEU B 63 -22.70 -19.16 -2.14
C LEU B 63 -23.44 -19.99 -3.17
N GLU B 64 -23.14 -19.79 -4.45
CA GLU B 64 -23.82 -20.52 -5.51
C GLU B 64 -23.16 -21.84 -5.84
N GLU B 65 -21.83 -21.90 -5.84
CA GLU B 65 -21.12 -23.11 -6.21
C GLU B 65 -20.81 -24.05 -5.06
N LEU B 66 -20.87 -23.57 -3.80
CA LEU B 66 -20.51 -24.41 -2.66
C LEU B 66 -21.62 -24.64 -1.62
N HIS B 67 -21.47 -25.73 -0.85
CA HIS B 67 -22.38 -26.11 0.22
C HIS B 67 -21.77 -25.66 1.55
N LEU B 68 -21.34 -24.40 1.62
CA LEU B 68 -20.76 -23.85 2.86
C LEU B 68 -21.86 -23.14 3.63
N GLU B 69 -21.76 -23.19 4.97
CA GLU B 69 -22.71 -22.50 5.87
C GLU B 69 -22.63 -20.98 5.58
N PRO B 70 -23.76 -20.24 5.44
CA PRO B 70 -23.65 -18.78 5.19
C PRO B 70 -22.84 -18.01 6.23
N GLY B 71 -22.70 -18.56 7.44
CA GLY B 71 -21.91 -17.98 8.51
C GLY B 71 -20.40 -18.14 8.31
N VAL B 72 -20.00 -19.12 7.49
CA VAL B 72 -18.62 -19.39 7.13
C VAL B 72 -18.18 -18.38 6.08
N VAL B 73 -19.02 -18.14 5.07
CA VAL B 73 -18.74 -17.16 4.01
C VAL B 73 -18.63 -15.74 4.62
N GLN B 74 -19.47 -15.45 5.63
CA GLN B 74 -19.49 -14.17 6.35
CA GLN B 74 -19.50 -14.19 6.36
C GLN B 74 -18.20 -13.96 7.17
N GLY B 75 -17.56 -15.06 7.59
CA GLY B 75 -16.32 -15.05 8.34
C GLY B 75 -15.12 -14.82 7.45
N LEU B 76 -15.18 -15.32 6.20
CA LEU B 76 -14.13 -15.16 5.19
C LEU B 76 -14.18 -13.74 4.62
N PHE B 77 -15.39 -13.17 4.43
CA PHE B 77 -15.52 -11.83 3.87
C PHE B 77 -16.38 -10.90 4.73
N PRO B 78 -15.90 -10.51 5.92
CA PRO B 78 -16.73 -9.64 6.79
C PRO B 78 -16.85 -8.20 6.28
N CYS B 79 -18.01 -7.55 6.50
CA CYS B 79 -18.32 -6.14 6.14
C CYS B 79 -17.99 -5.75 4.70
N VAL B 80 -17.88 -6.71 3.77
CA VAL B 80 -17.51 -6.40 2.39
CA VAL B 80 -17.50 -6.42 2.39
C VAL B 80 -18.59 -5.65 1.61
N ASP B 81 -19.89 -5.83 1.98
CA ASP B 81 -20.97 -5.11 1.30
C ASP B 81 -21.02 -3.65 1.77
N GLU B 82 -20.79 -3.44 3.08
CA GLU B 82 -20.77 -2.10 3.67
CA GLU B 82 -20.78 -2.10 3.67
C GLU B 82 -19.57 -1.33 3.13
N LEU B 83 -18.39 -1.99 3.07
CA LEU B 83 -17.17 -1.37 2.54
C LEU B 83 -17.37 -1.02 1.06
N SER B 84 -18.05 -1.91 0.32
CA SER B 84 -18.38 -1.74 -1.08
C SER B 84 -19.30 -0.54 -1.25
N ASP B 85 -20.35 -0.39 -0.43
CA ASP B 85 -21.24 0.77 -0.53
C ASP B 85 -20.55 2.09 -0.15
N ILE B 86 -19.68 2.07 0.90
CA ILE B 86 -18.94 3.22 1.40
C ILE B 86 -17.96 3.82 0.35
N HIS B 87 -17.07 2.98 -0.19
CA HIS B 87 -16.08 3.40 -1.16
C HIS B 87 -16.65 3.59 -2.54
N THR B 88 -17.76 2.91 -2.90
CA THR B 88 -18.36 3.11 -4.21
C THR B 88 -18.95 4.51 -4.27
N ARG B 89 -19.60 4.98 -3.17
CA ARG B 89 -20.10 6.35 -3.12
C ARG B 89 -18.94 7.37 -3.19
N PHE B 90 -17.80 7.08 -2.58
CA PHE B 90 -16.65 7.98 -2.60
C PHE B 90 -16.05 8.07 -4.02
N LEU B 91 -15.86 6.90 -4.68
CA LEU B 91 -15.33 6.78 -6.05
C LEU B 91 -16.25 7.54 -6.98
N SER B 92 -17.58 7.40 -6.77
CA SER B 92 -18.62 8.08 -7.53
CA SER B 92 -18.58 8.09 -7.58
C SER B 92 -18.37 9.59 -7.48
N GLN B 93 -18.23 10.13 -6.25
CA GLN B 93 -17.99 11.54 -5.99
C GLN B 93 -16.65 12.02 -6.57
N LEU B 94 -15.60 11.21 -6.51
CA LEU B 94 -14.32 11.58 -7.10
C LEU B 94 -14.42 11.60 -8.65
N LEU B 95 -15.13 10.63 -9.24
CA LEU B 95 -15.30 10.54 -10.69
C LEU B 95 -16.16 11.64 -11.26
N GLU B 96 -17.19 12.10 -10.53
CA GLU B 96 -18.05 13.20 -10.96
C GLU B 96 -17.30 14.53 -10.89
N ARG B 97 -16.47 14.71 -9.86
CA ARG B 97 -15.63 15.90 -9.69
C ARG B 97 -14.61 16.02 -10.84
N ARG B 98 -14.16 14.89 -11.40
CA ARG B 98 -13.24 14.85 -12.55
C ARG B 98 -14.00 15.18 -13.85
N ARG B 99 -15.25 14.71 -13.97
CA ARG B 99 -16.05 14.99 -15.15
CA ARG B 99 -16.10 14.98 -15.13
C ARG B 99 -16.50 16.44 -15.20
N GLN B 100 -16.79 17.05 -14.05
CA GLN B 100 -17.15 18.47 -13.99
C GLN B 100 -15.95 19.32 -14.43
N ALA B 101 -14.72 18.88 -14.09
CA ALA B 101 -13.48 19.57 -14.44
C ALA B 101 -13.00 19.35 -15.88
N LEU B 102 -13.67 18.46 -16.63
CA LEU B 102 -13.31 18.15 -18.00
C LEU B 102 -13.49 19.31 -18.95
N CYS B 103 -12.56 19.41 -19.90
CA CYS B 103 -12.56 20.43 -20.93
C CYS B 103 -13.69 20.17 -21.91
N PRO B 104 -14.46 21.19 -22.31
CA PRO B 104 -15.53 20.95 -23.29
C PRO B 104 -14.94 20.49 -24.63
N GLY B 105 -15.46 19.38 -25.14
CA GLY B 105 -14.96 18.77 -26.37
C GLY B 105 -13.90 17.69 -26.13
N SER B 106 -13.54 17.45 -24.86
CA SER B 106 -12.54 16.48 -24.47
C SER B 106 -13.05 15.58 -23.38
N THR B 107 -12.55 14.34 -23.34
CA THR B 107 -12.88 13.33 -22.32
C THR B 107 -11.66 12.91 -21.49
N ARG B 108 -10.51 13.57 -21.66
CA ARG B 108 -9.31 13.23 -20.91
C ARG B 108 -8.54 14.43 -20.37
N ASN B 109 -8.82 15.63 -20.86
CA ASN B 109 -8.16 16.84 -20.40
C ASN B 109 -8.95 17.52 -19.30
N PHE B 110 -8.44 17.47 -18.06
CA PHE B 110 -9.12 18.10 -16.93
C PHE B 110 -8.11 18.59 -15.90
N VAL B 111 -8.51 19.55 -15.06
CA VAL B 111 -7.72 20.09 -13.96
C VAL B 111 -8.69 20.28 -12.78
N ILE B 112 -8.49 19.56 -11.67
CA ILE B 112 -9.34 19.66 -10.51
C ILE B 112 -8.82 20.74 -9.57
N HIS B 113 -9.56 21.83 -9.41
CA HIS B 113 -9.16 22.92 -8.52
C HIS B 113 -9.68 22.72 -7.08
N ARG B 114 -10.77 21.96 -6.91
N ARG B 114 -10.77 21.94 -6.91
CA ARG B 114 -11.34 21.71 -5.58
CA ARG B 114 -11.36 21.70 -5.60
C ARG B 114 -11.45 20.24 -5.28
C ARG B 114 -11.47 20.23 -5.28
N LEU B 115 -10.75 19.79 -4.24
N LEU B 115 -10.75 19.78 -4.25
CA LEU B 115 -10.82 18.40 -3.79
CA LEU B 115 -10.82 18.40 -3.79
C LEU B 115 -11.14 18.38 -2.29
C LEU B 115 -11.14 18.38 -2.29
N GLY B 116 -10.51 19.28 -1.53
CA GLY B 116 -10.67 19.40 -0.09
C GLY B 116 -12.06 19.22 0.48
N ASP B 117 -13.08 19.88 -0.11
CA ASP B 117 -14.47 19.78 0.32
C ASP B 117 -14.98 18.35 0.21
N LEU B 118 -14.61 17.65 -0.87
CA LEU B 118 -14.99 16.28 -1.12
C LEU B 118 -14.49 15.38 -0.03
N LEU B 119 -13.20 15.57 0.39
CA LEU B 119 -12.52 14.81 1.42
C LEU B 119 -13.05 15.14 2.82
N ILE B 120 -13.36 16.43 3.10
CA ILE B 120 -13.90 16.85 4.40
C ILE B 120 -15.27 16.20 4.66
N SER B 121 -16.09 16.08 3.61
CA SER B 121 -17.41 15.48 3.75
CA SER B 121 -17.41 15.48 3.71
C SER B 121 -17.32 13.98 3.97
N GLN B 122 -16.31 13.31 3.38
CA GLN B 122 -16.08 11.88 3.47
C GLN B 122 -15.50 11.50 4.82
N PHE B 123 -14.53 12.27 5.29
CA PHE B 123 -13.84 11.97 6.53
C PHE B 123 -14.42 12.68 7.74
N SER B 124 -15.67 13.19 7.66
CA SER B 124 -16.30 13.83 8.82
C SER B 124 -17.79 13.50 8.98
N GLY B 125 -18.29 13.66 10.21
CA GLY B 125 -19.69 13.46 10.52
C GLY B 125 -20.12 12.02 10.59
N PRO B 126 -21.42 11.77 10.31
CA PRO B 126 -21.93 10.39 10.35
C PRO B 126 -21.31 9.48 9.29
N SER B 127 -20.83 10.05 8.17
CA SER B 127 -20.19 9.25 7.13
C SER B 127 -18.88 8.68 7.63
N ALA B 128 -18.11 9.48 8.39
CA ALA B 128 -16.85 9.05 8.98
C ALA B 128 -17.08 8.05 10.09
N GLU B 129 -18.14 8.23 10.89
CA GLU B 129 -18.46 7.31 11.97
C GLU B 129 -18.84 5.94 11.42
N GLN B 130 -19.58 5.91 10.30
CA GLN B 130 -19.96 4.65 9.67
CA GLN B 130 -19.96 4.66 9.64
C GLN B 130 -18.71 3.89 9.19
N MET B 131 -17.75 4.62 8.62
CA MET B 131 -16.48 4.13 8.10
C MET B 131 -15.52 3.67 9.21
N CYS B 132 -15.47 4.41 10.33
CA CYS B 132 -14.67 4.11 11.51
C CYS B 132 -15.16 2.84 12.17
N LYS B 133 -16.47 2.70 12.31
CA LYS B 133 -17.08 1.53 12.92
C LYS B 133 -16.84 0.30 12.00
N THR B 134 -17.00 0.50 10.68
CA THR B 134 -16.79 -0.55 9.69
C THR B 134 -15.35 -1.07 9.64
N TYR B 135 -14.34 -0.18 9.65
CA TYR B 135 -12.95 -0.60 9.60
C TYR B 135 -12.44 -1.19 10.92
N SER B 136 -12.95 -0.70 12.06
CA SER B 136 -12.59 -1.28 13.36
C SER B 136 -13.07 -2.72 13.42
N GLU B 137 -14.27 -2.99 12.88
CA GLU B 137 -14.83 -4.32 12.85
CA GLU B 137 -14.80 -4.33 12.87
C GLU B 137 -14.02 -5.16 11.86
N PHE B 138 -13.85 -4.67 10.61
CA PHE B 138 -13.09 -5.42 9.59
C PHE B 138 -11.69 -5.85 10.06
N CYS B 139 -10.92 -4.91 10.61
CA CYS B 139 -9.58 -5.17 11.07
C CYS B 139 -9.50 -6.04 12.32
N SER B 140 -10.54 -6.04 13.17
CA SER B 140 -10.59 -6.96 14.31
C SER B 140 -10.96 -8.36 13.85
N ARG B 141 -11.67 -8.50 12.73
CA ARG B 141 -12.04 -9.81 12.20
C ARG B 141 -11.06 -10.33 11.09
N HIS B 142 -10.06 -9.52 10.71
CA HIS B 142 -9.06 -9.85 9.67
C HIS B 142 -8.28 -11.16 9.95
N SER B 143 -7.77 -11.39 11.18
CA SER B 143 -7.03 -12.63 11.48
CA SER B 143 -7.02 -12.62 11.47
C SER B 143 -7.90 -13.88 11.35
N LYS B 144 -9.08 -13.87 12.00
CA LYS B 144 -10.07 -14.96 11.97
C LYS B 144 -10.48 -15.31 10.53
N ALA B 145 -10.48 -14.30 9.62
CA ALA B 145 -10.80 -14.48 8.21
C ALA B 145 -9.67 -15.24 7.49
N LEU B 146 -8.40 -14.88 7.77
CA LEU B 146 -7.22 -15.55 7.20
C LEU B 146 -7.14 -16.98 7.69
N LYS B 147 -7.40 -17.19 8.99
CA LYS B 147 -7.35 -18.53 9.57
C LYS B 147 -8.48 -19.40 9.07
N LEU B 148 -9.67 -18.84 8.90
CA LEU B 148 -10.83 -19.59 8.42
C LEU B 148 -10.65 -20.07 6.99
N TYR B 149 -10.06 -19.22 6.11
CA TYR B 149 -9.74 -19.54 4.71
C TYR B 149 -8.71 -20.66 4.65
N LYS B 150 -7.70 -20.60 5.52
CA LYS B 150 -6.64 -21.60 5.52
C LYS B 150 -7.15 -22.97 6.00
N GLU B 151 -8.11 -23.00 6.93
CA GLU B 151 -8.68 -24.25 7.43
CA GLU B 151 -8.66 -24.27 7.41
C GLU B 151 -9.55 -24.89 6.34
N LEU B 152 -10.30 -24.07 5.60
CA LEU B 152 -11.17 -24.54 4.52
C LEU B 152 -10.35 -25.11 3.36
N TYR B 153 -9.19 -24.50 3.08
CA TYR B 153 -8.30 -24.98 2.02
C TYR B 153 -7.56 -26.26 2.44
N ALA B 154 -7.35 -26.47 3.75
CA ALA B 154 -6.66 -27.67 4.23
C ALA B 154 -7.58 -28.81 4.70
N ARG B 155 -8.87 -28.74 4.39
CA ARG B 155 -9.81 -29.78 4.77
CA ARG B 155 -9.84 -29.77 4.78
C ARG B 155 -10.76 -30.10 3.62
N ASP B 156 -11.22 -29.07 2.89
CA ASP B 156 -12.14 -29.22 1.77
C ASP B 156 -11.46 -29.20 0.42
N LYS B 157 -11.62 -30.27 -0.39
CA LYS B 157 -11.02 -30.34 -1.72
C LYS B 157 -11.84 -29.58 -2.78
N ARG B 158 -13.17 -29.45 -2.56
CA ARG B 158 -14.05 -28.69 -3.45
C ARG B 158 -13.82 -27.18 -3.33
N PHE B 159 -13.42 -26.72 -2.13
CA PHE B 159 -13.05 -25.33 -1.88
C PHE B 159 -11.71 -25.05 -2.58
N GLN B 160 -10.78 -26.03 -2.58
CA GLN B 160 -9.48 -25.91 -3.25
C GLN B 160 -9.71 -25.76 -4.76
N GLN B 161 -10.65 -26.52 -5.33
CA GLN B 161 -11.00 -26.49 -6.74
C GLN B 161 -11.55 -25.12 -7.09
N PHE B 162 -12.46 -24.59 -6.24
CA PHE B 162 -13.09 -23.29 -6.43
C PHE B 162 -12.04 -22.19 -6.49
N ILE B 163 -11.08 -22.20 -5.55
CA ILE B 163 -10.01 -21.21 -5.48
C ILE B 163 -9.07 -21.26 -6.70
N ARG B 164 -8.77 -22.47 -7.20
CA ARG B 164 -7.93 -22.58 -8.40
C ARG B 164 -8.63 -22.00 -9.62
N LYS B 165 -9.96 -22.21 -9.74
CA LYS B 165 -10.73 -21.68 -10.86
C LYS B 165 -10.81 -20.15 -10.86
N VAL B 166 -11.41 -19.54 -9.81
CA VAL B 166 -11.65 -18.09 -9.72
C VAL B 166 -10.40 -17.24 -9.89
N THR B 167 -9.27 -17.70 -9.34
CA THR B 167 -7.99 -16.98 -9.38
C THR B 167 -7.07 -17.36 -10.54
N ARG B 168 -7.55 -18.20 -11.47
CA ARG B 168 -6.76 -18.63 -12.62
C ARG B 168 -6.44 -17.49 -13.60
N PRO B 169 -7.37 -16.58 -13.95
CA PRO B 169 -7.00 -15.47 -14.84
C PRO B 169 -5.80 -14.65 -14.33
N ALA B 170 -4.97 -14.14 -15.27
CA ALA B 170 -3.79 -13.32 -14.93
C ALA B 170 -4.17 -12.04 -14.21
N VAL B 171 -5.38 -11.53 -14.46
CA VAL B 171 -6.00 -10.34 -13.87
C VAL B 171 -5.98 -10.44 -12.34
N LEU B 172 -6.24 -11.65 -11.80
CA LEU B 172 -6.30 -11.93 -10.37
C LEU B 172 -4.96 -12.36 -9.77
N LYS B 173 -3.84 -12.01 -10.42
CA LYS B 173 -2.52 -12.43 -9.94
C LYS B 173 -2.24 -12.01 -8.51
N ARG B 174 -2.33 -10.71 -8.20
CA ARG B 174 -2.10 -10.18 -6.85
C ARG B 174 -3.41 -9.95 -6.09
N HIS B 175 -4.47 -10.72 -6.42
CA HIS B 175 -5.79 -10.47 -5.85
C HIS B 175 -6.55 -11.70 -5.30
N GLY B 176 -5.84 -12.64 -4.67
CA GLY B 176 -6.49 -13.78 -4.04
C GLY B 176 -7.25 -13.40 -2.79
N VAL B 177 -7.93 -14.37 -2.13
CA VAL B 177 -8.72 -14.13 -0.93
C VAL B 177 -7.95 -13.33 0.14
N GLN B 178 -6.76 -13.86 0.53
CA GLN B 178 -5.89 -13.27 1.56
C GLN B 178 -5.27 -11.96 1.12
N GLU B 179 -4.86 -11.84 -0.15
CA GLU B 179 -4.30 -10.60 -0.66
C GLU B 179 -5.36 -9.49 -0.61
N CYS B 180 -6.59 -9.80 -1.04
CA CYS B 180 -7.71 -8.86 -0.98
C CYS B 180 -7.96 -8.39 0.46
N ILE B 181 -7.99 -9.33 1.43
CA ILE B 181 -8.21 -8.96 2.82
C ILE B 181 -7.14 -7.96 3.35
N LEU B 182 -5.86 -8.19 3.01
CA LEU B 182 -4.80 -7.29 3.43
C LEU B 182 -4.85 -5.97 2.64
N LEU B 183 -5.21 -6.04 1.37
CA LEU B 183 -5.40 -4.86 0.50
C LEU B 183 -6.41 -3.88 1.11
N VAL B 184 -7.51 -4.40 1.64
CA VAL B 184 -8.55 -3.60 2.29
C VAL B 184 -8.07 -2.99 3.61
N THR B 185 -7.27 -3.73 4.40
CA THR B 185 -6.75 -3.21 5.68
C THR B 185 -5.72 -2.10 5.50
N GLN B 186 -4.77 -2.26 4.55
CA GLN B 186 -3.73 -1.26 4.29
C GLN B 186 -4.26 0.05 3.61
N ARG B 187 -5.47 0.01 3.00
CA ARG B 187 -6.05 1.13 2.27
C ARG B 187 -6.20 2.41 3.09
N ILE B 188 -6.72 2.32 4.32
CA ILE B 188 -6.96 3.53 5.12
C ILE B 188 -5.69 4.25 5.50
N THR B 189 -4.58 3.54 5.62
CA THR B 189 -3.30 4.14 5.95
C THR B 189 -2.60 4.81 4.72
N LYS B 190 -3.21 4.70 3.50
CA LYS B 190 -2.69 5.30 2.28
C LYS B 190 -3.14 6.75 2.17
N TYR B 191 -4.39 7.04 2.60
CA TYR B 191 -4.99 8.39 2.52
C TYR B 191 -4.16 9.53 3.10
N PRO B 192 -3.59 9.46 4.33
CA PRO B 192 -2.81 10.61 4.81
C PRO B 192 -1.56 10.81 3.97
N LEU B 193 -1.00 9.75 3.36
CA LEU B 193 0.18 9.89 2.50
CA LEU B 193 0.19 9.89 2.50
C LEU B 193 -0.21 10.68 1.24
N LEU B 194 -1.36 10.34 0.64
CA LEU B 194 -1.87 11.00 -0.56
C LEU B 194 -2.28 12.45 -0.30
N ILE B 195 -3.11 12.69 0.72
CA ILE B 195 -3.59 14.03 1.08
C ILE B 195 -2.43 14.96 1.51
N SER B 196 -1.33 14.43 2.13
CA SER B 196 -0.21 15.28 2.52
CA SER B 196 -0.21 15.29 2.51
CA SER B 196 -0.21 15.28 2.52
C SER B 196 0.56 15.75 1.28
N ARG B 197 0.77 14.85 0.30
CA ARG B 197 1.49 15.20 -0.93
C ARG B 197 0.61 16.10 -1.82
N ILE B 198 -0.74 16.00 -1.71
CA ILE B 198 -1.65 16.88 -2.45
C ILE B 198 -1.52 18.29 -1.83
N LEU B 199 -1.63 18.37 -0.49
CA LEU B 199 -1.52 19.61 0.29
C LEU B 199 -0.21 20.37 -0.01
N GLN B 200 0.85 19.62 -0.22
CA GLN B 200 2.17 20.16 -0.53
C GLN B 200 2.17 20.98 -1.85
N HIS B 201 1.24 20.71 -2.77
CA HIS B 201 1.16 21.42 -4.03
C HIS B 201 -0.16 22.21 -4.19
N SER B 202 -0.75 22.63 -3.07
CA SER B 202 -2.01 23.37 -3.08
C SER B 202 -1.91 24.69 -2.35
N HIS B 203 -0.79 25.39 -2.55
CA HIS B 203 -0.61 26.70 -1.92
C HIS B 203 -0.96 27.88 -2.85
N GLY B 204 -1.84 27.65 -3.82
CA GLY B 204 -2.29 28.69 -4.73
C GLY B 204 -3.56 29.33 -4.19
N ILE B 205 -4.61 28.52 -4.05
CA ILE B 205 -5.89 28.97 -3.51
CA ILE B 205 -5.88 29.00 -3.50
C ILE B 205 -5.82 28.71 -2.01
N GLU B 206 -5.97 29.74 -1.18
CA GLU B 206 -5.87 29.59 0.29
C GLU B 206 -6.98 28.75 0.91
N GLU B 207 -8.23 28.89 0.47
CA GLU B 207 -9.34 28.07 0.99
C GLU B 207 -9.05 26.58 0.74
N GLU B 208 -8.37 26.26 -0.37
CA GLU B 208 -7.98 24.88 -0.70
C GLU B 208 -6.86 24.32 0.23
N ARG B 209 -5.84 25.14 0.60
CA ARG B 209 -4.82 24.67 1.54
C ARG B 209 -5.46 24.40 2.91
N GLN B 210 -6.44 25.21 3.32
CA GLN B 210 -7.11 25.01 4.59
C GLN B 210 -8.03 23.79 4.54
N ASP B 211 -8.66 23.53 3.39
CA ASP B 211 -9.53 22.37 3.22
C ASP B 211 -8.72 21.08 3.29
N LEU B 212 -7.58 21.02 2.58
CA LEU B 212 -6.75 19.82 2.61
C LEU B 212 -6.09 19.61 3.98
N THR B 213 -5.85 20.70 4.73
CA THR B 213 -5.30 20.61 6.09
C THR B 213 -6.40 20.09 7.03
N THR B 214 -7.65 20.53 6.84
CA THR B 214 -8.76 20.06 7.68
C THR B 214 -9.05 18.59 7.42
N ALA B 215 -8.98 18.17 6.14
CA ALA B 215 -9.21 16.78 5.77
C ALA B 215 -8.07 15.92 6.29
N LEU B 216 -6.81 16.41 6.24
CA LEU B 216 -5.64 15.65 6.71
C LEU B 216 -5.75 15.30 8.20
N GLY B 217 -6.20 16.26 9.01
CA GLY B 217 -6.46 16.05 10.43
C GLY B 217 -7.64 15.11 10.64
N LEU B 218 -8.64 15.16 9.77
CA LEU B 218 -9.82 14.29 9.85
C LEU B 218 -9.43 12.83 9.58
N VAL B 219 -8.59 12.57 8.56
CA VAL B 219 -8.14 11.21 8.27
C VAL B 219 -7.28 10.66 9.44
N LYS B 220 -6.44 11.50 10.06
CA LYS B 220 -5.61 11.04 11.18
C LYS B 220 -6.44 10.76 12.44
N GLU B 221 -7.48 11.59 12.73
CA GLU B 221 -8.37 11.37 13.88
CA GLU B 221 -8.32 11.33 13.90
C GLU B 221 -9.10 10.04 13.68
N LEU B 222 -9.54 9.78 12.42
CA LEU B 222 -10.26 8.58 12.00
C LEU B 222 -9.36 7.38 12.16
N LEU B 223 -8.15 7.41 11.59
CA LEU B 223 -7.20 6.33 11.70
C LEU B 223 -6.88 5.99 13.14
N SER B 224 -6.68 7.03 13.98
CA SER B 224 -6.40 6.81 15.40
CA SER B 224 -6.40 6.84 15.41
C SER B 224 -7.56 6.13 16.12
N ASN B 225 -8.81 6.38 15.68
CA ASN B 225 -10.00 5.78 16.27
C ASN B 225 -10.23 4.35 15.77
N VAL B 226 -9.86 4.07 14.50
CA VAL B 226 -9.94 2.72 13.96
C VAL B 226 -8.90 1.84 14.70
N ASP B 227 -7.69 2.39 14.90
CA ASP B 227 -6.58 1.75 15.61
C ASP B 227 -6.91 1.50 17.09
N GLU B 228 -7.61 2.45 17.74
CA GLU B 228 -8.01 2.30 19.14
C GLU B 228 -9.12 1.26 19.35
N GLY B 229 -9.95 1.06 18.33
CA GLY B 229 -11.07 0.13 18.41
C GLY B 229 -10.77 -1.27 17.92
N ILE B 230 -9.53 -1.54 17.50
CA ILE B 230 -9.15 -2.87 17.03
C ILE B 230 -8.97 -3.82 18.23
N TYR B 231 -9.50 -5.04 18.11
CA TYR B 231 -9.46 -6.04 19.16
C TYR B 231 -9.58 -7.40 18.46
N GLN B 232 -8.43 -7.97 18.03
CA GLN B 232 -8.35 -9.24 17.29
C GLN B 232 -9.15 -10.40 17.88
N LEU B 233 -10.02 -11.00 17.04
CA LEU B 233 -10.86 -12.13 17.37
C LEU B 233 -10.15 -13.47 17.06
N GLU B 234 -10.52 -14.55 17.75
CA GLU B 234 -9.95 -15.87 17.47
C GLU B 234 -11.05 -16.88 17.09
N LYS B 235 -10.66 -17.99 16.42
CA LYS B 235 -11.60 -19.02 16.02
C LYS B 235 -12.14 -19.81 17.22
#